data_7WGN
#
_entry.id   7WGN
#
_cell.length_a   37.772
_cell.length_b   92.662
_cell.length_c   96.760
_cell.angle_alpha   90.000
_cell.angle_beta   90.000
_cell.angle_gamma   90.000
#
_symmetry.space_group_name_H-M   'P 2 21 21'
#
loop_
_entity.id
_entity.type
_entity.pdbx_description
1 polymer 'Peroxisome proliferator-activated receptor delta'
2 non-polymer '(2~{R})-2-[3-[[1,3-benzoxazol-2-yl-[3-(4-methoxyphenoxy)propyl]amino]methyl]phenoxy]butanoic acid'
3 non-polymer 'octyl beta-D-glucopyranoside'
4 water water
#
_entity_poly.entity_id   1
_entity_poly.type   'polypeptide(L)'
_entity_poly.pdbx_seq_one_letter_code
;GSHMPQVADLKAFSKHIYNAYLKNFNMTKKKARSILTGKASHTAPFVIHDIETLWQAEKGLVWKQLVNGLPPYKEISVHV
FYRCQCTTVETVRELTEFAKSIPSFSSLFLNDQVTLLKYGVHEAIFAMLASIVNKDGLLVANGSGFVTREFLRSLRKPFS
DIIEPKFEFAVKFNALELDDSDLALFIAAIILCGDRPGLMNVPRVEAIQDTILRALEFHLQANHPDAQYLFPKLLQKMAD
LRQLVTEHAQMMQRIKKTETETSLHPLLQEIYKDMY
;
_entity_poly.pdbx_strand_id   A
#
loop_
_chem_comp.id
_chem_comp.type
_chem_comp.name
_chem_comp.formula
BOG D-saccharide 'octyl beta-D-glucopyranoside' 'C14 H28 O6'
P7F non-polymer '(2~{R})-2-[3-[[1,3-benzoxazol-2-yl-[3-(4-methoxyphenoxy)propyl]amino]methyl]phenoxy]butanoic acid' 'C28 H30 N2 O6'
#
# COMPACT_ATOMS: atom_id res chain seq x y z
N ALA A 8 -20.18 16.39 13.34
CA ALA A 8 -20.53 15.54 14.48
C ALA A 8 -20.62 14.09 14.02
N ASP A 9 -21.59 13.80 13.16
CA ASP A 9 -21.65 12.51 12.50
C ASP A 9 -20.30 12.18 11.85
N LEU A 10 -19.77 13.13 11.09
CA LEU A 10 -18.52 12.89 10.37
C LEU A 10 -17.34 12.73 11.33
N LYS A 11 -17.30 13.53 12.40
CA LYS A 11 -16.21 13.41 13.36
C LYS A 11 -16.15 12.00 13.95
N ALA A 12 -17.31 11.47 14.35
CA ALA A 12 -17.35 10.11 14.89
C ALA A 12 -17.05 9.09 13.80
N PHE A 13 -17.56 9.32 12.59
CA PHE A 13 -17.26 8.43 11.48
C PHE A 13 -15.76 8.38 11.21
N SER A 14 -15.12 9.56 11.17
CA SER A 14 -13.68 9.60 10.97
C SER A 14 -12.94 8.88 12.10
N LYS A 15 -13.40 9.06 13.34
CA LYS A 15 -12.77 8.39 14.46
C LYS A 15 -12.91 6.88 14.36
N HIS A 16 -14.08 6.40 13.93
CA HIS A 16 -14.29 4.96 13.75
C HIS A 16 -13.31 4.40 12.72
N ILE A 17 -13.16 5.09 11.59
CA ILE A 17 -12.23 4.62 10.56
C ILE A 17 -10.80 4.64 11.08
N TYR A 18 -10.44 5.72 11.80
CA TYR A 18 -9.10 5.81 12.36
C TYR A 18 -8.80 4.62 13.27
N ASN A 19 -9.73 4.27 14.15
CA ASN A 19 -9.50 3.15 15.07
C ASN A 19 -9.44 1.83 14.32
N ALA A 20 -10.25 1.66 13.28
CA ALA A 20 -10.14 0.46 12.45
C ALA A 20 -8.76 0.37 11.81
N TYR A 21 -8.20 1.53 11.44
CA TYR A 21 -6.86 1.59 10.87
C TYR A 21 -5.81 1.21 11.91
N LEU A 22 -5.86 1.84 13.09
CA LEU A 22 -4.92 1.49 14.15
C LEU A 22 -5.06 0.03 14.57
N LYS A 23 -6.27 -0.50 14.53
CA LYS A 23 -6.48 -1.88 14.96
C LYS A 23 -5.87 -2.88 13.99
N ASN A 24 -5.85 -2.56 12.69
CA ASN A 24 -5.58 -3.57 11.67
C ASN A 24 -4.22 -3.46 10.99
N PHE A 25 -3.51 -2.34 11.13
CA PHE A 25 -2.23 -2.16 10.46
C PHE A 25 -1.10 -2.14 11.48
N ASN A 26 -0.21 -3.14 11.38
CA ASN A 26 0.90 -3.22 12.32
C ASN A 26 1.85 -2.04 12.16
N MET A 27 2.07 -1.58 10.94
CA MET A 27 2.95 -0.46 10.66
C MET A 27 2.11 0.79 10.41
N THR A 28 2.28 1.80 11.26
CA THR A 28 1.67 3.10 11.06
C THR A 28 2.73 4.11 10.63
N LYS A 29 2.28 5.24 10.09
CA LYS A 29 3.23 6.29 9.73
C LYS A 29 3.88 6.88 10.98
N LYS A 30 3.13 6.98 12.08
CA LYS A 30 3.72 7.44 13.33
C LYS A 30 4.89 6.55 13.73
N LYS A 31 4.70 5.23 13.69
CA LYS A 31 5.78 4.31 14.01
C LYS A 31 6.92 4.42 12.99
N ALA A 32 6.58 4.51 11.70
CA ALA A 32 7.61 4.53 10.67
C ALA A 32 8.48 5.77 10.80
N ARG A 33 7.86 6.94 10.90
CA ARG A 33 8.64 8.18 10.98
C ARG A 33 9.47 8.24 12.26
N SER A 34 8.99 7.63 13.34
CA SER A 34 9.79 7.54 14.56
C SER A 34 11.04 6.72 14.32
N ILE A 35 10.91 5.59 13.61
CA ILE A 35 12.08 4.77 13.28
C ILE A 35 13.00 5.51 12.32
N LEU A 36 12.44 6.16 11.30
CA LEU A 36 13.24 6.82 10.28
C LEU A 36 13.91 8.10 10.78
N THR A 37 13.48 8.64 11.92
CA THR A 37 14.09 9.84 12.48
C THR A 37 14.94 9.56 13.72
N GLY A 38 14.97 8.32 14.20
CA GLY A 38 15.83 7.95 15.31
C GLY A 38 15.30 8.36 16.67
N LYS A 39 14.55 7.47 17.31
CA LYS A 39 14.01 7.73 18.64
C LYS A 39 13.92 6.44 19.45
N THR A 43 14.58 1.58 18.09
CA THR A 43 15.87 1.04 17.71
C THR A 43 16.18 1.31 16.24
N ALA A 44 17.47 1.33 15.90
CA ALA A 44 17.86 1.60 14.53
C ALA A 44 17.64 0.37 13.66
N PRO A 45 17.13 0.54 12.44
CA PRO A 45 16.96 -0.60 11.55
C PRO A 45 18.29 -1.03 10.94
N PHE A 46 18.37 -2.32 10.66
CA PHE A 46 19.55 -2.90 10.00
C PHE A 46 19.50 -2.55 8.52
N VAL A 47 20.56 -1.93 8.01
CA VAL A 47 20.59 -1.47 6.63
C VAL A 47 20.96 -2.62 5.71
N ILE A 48 20.15 -2.83 4.69
CA ILE A 48 20.37 -3.87 3.68
C ILE A 48 20.72 -3.15 2.38
N HIS A 49 22.02 -3.09 2.05
CA HIS A 49 22.48 -2.33 0.90
C HIS A 49 23.29 -3.14 -0.09
N ASP A 50 23.54 -4.43 0.17
CA ASP A 50 24.23 -5.27 -0.79
C ASP A 50 23.97 -6.73 -0.43
N ILE A 51 24.60 -7.63 -1.18
CA ILE A 51 24.37 -9.07 -0.99
C ILE A 51 24.73 -9.47 0.43
N GLU A 52 25.86 -9.01 0.93
CA GLU A 52 26.35 -9.46 2.23
C GLU A 52 25.40 -9.04 3.35
N THR A 53 24.91 -7.80 3.32
CA THR A 53 23.98 -7.36 4.36
C THR A 53 22.61 -8.03 4.22
N LEU A 54 22.16 -8.28 2.99
CA LEU A 54 20.93 -9.05 2.81
C LEU A 54 21.06 -10.42 3.45
N TRP A 55 22.22 -11.07 3.29
CA TRP A 55 22.47 -12.35 3.94
C TRP A 55 22.42 -12.19 5.46
N GLN A 56 23.14 -11.19 5.99
CA GLN A 56 23.13 -10.97 7.43
C GLN A 56 21.71 -10.73 7.94
N ALA A 57 20.88 -10.05 7.14
CA ALA A 57 19.50 -9.82 7.54
C ALA A 57 18.70 -11.11 7.57
N GLU A 58 19.09 -12.11 6.79
CA GLU A 58 18.39 -13.39 6.83
C GLU A 58 18.86 -14.26 7.99
N LYS A 59 20.16 -14.24 8.29
CA LYS A 59 20.75 -15.10 9.32
C LYS A 59 20.52 -14.44 10.68
N GLY A 60 19.31 -14.60 11.20
CA GLY A 60 18.90 -13.84 12.37
C GLY A 60 19.01 -12.37 12.06
N LEU A 61 18.61 -11.49 12.99
CA LEU A 61 18.69 -10.07 12.71
C LEU A 61 17.71 -9.74 11.60
N VAL A 62 16.71 -8.90 11.89
CA VAL A 62 15.61 -8.66 10.95
C VAL A 62 14.73 -9.90 10.92
N TRP A 63 15.11 -10.89 10.12
CA TRP A 63 14.38 -12.15 10.05
C TRP A 63 15.07 -13.23 10.88
N GLY A 69 8.42 -21.25 4.20
CA GLY A 69 7.92 -19.89 4.22
C GLY A 69 7.97 -19.22 2.85
N LEU A 70 9.12 -19.32 2.20
CA LEU A 70 9.33 -18.79 0.87
C LEU A 70 9.43 -19.92 -0.14
N PRO A 71 9.30 -19.61 -1.43
CA PRO A 71 9.52 -20.65 -2.45
C PRO A 71 10.97 -21.08 -2.46
N PRO A 72 11.29 -22.19 -3.14
CA PRO A 72 12.69 -22.64 -3.20
C PRO A 72 13.60 -21.53 -3.71
N TYR A 73 14.74 -21.34 -3.03
CA TYR A 73 15.65 -20.28 -3.39
C TYR A 73 16.10 -20.41 -4.83
N LYS A 74 16.13 -19.28 -5.55
CA LYS A 74 16.53 -19.22 -6.95
C LYS A 74 17.77 -18.36 -7.15
N GLU A 75 17.75 -17.13 -6.66
CA GLU A 75 18.85 -16.19 -6.84
C GLU A 75 18.55 -14.94 -6.03
N ILE A 76 19.54 -14.05 -5.94
CA ILE A 76 19.42 -12.87 -5.09
C ILE A 76 18.22 -12.03 -5.49
N SER A 77 18.12 -11.70 -6.78
CA SER A 77 17.05 -10.80 -7.22
C SER A 77 15.68 -11.43 -7.03
N VAL A 78 15.55 -12.74 -7.28
CA VAL A 78 14.28 -13.40 -7.06
C VAL A 78 13.95 -13.48 -5.59
N HIS A 79 14.97 -13.61 -4.73
CA HIS A 79 14.73 -13.66 -3.30
C HIS A 79 14.08 -12.37 -2.80
N VAL A 80 14.61 -11.23 -3.24
CA VAL A 80 13.99 -9.94 -2.90
C VAL A 80 12.56 -9.90 -3.42
N PHE A 81 12.37 -10.35 -4.66
CA PHE A 81 11.04 -10.42 -5.25
C PHE A 81 10.09 -11.24 -4.38
N TYR A 82 10.55 -12.38 -3.87
CA TYR A 82 9.71 -13.23 -3.04
C TYR A 82 9.38 -12.56 -1.72
N ARG A 83 10.37 -11.95 -1.07
CA ARG A 83 10.09 -11.24 0.19
C ARG A 83 9.16 -10.06 -0.04
N CYS A 84 9.29 -9.38 -1.17
CA CYS A 84 8.37 -8.30 -1.50
C CYS A 84 6.93 -8.82 -1.60
N GLN A 85 6.74 -9.96 -2.28
CA GLN A 85 5.40 -10.53 -2.40
C GLN A 85 4.83 -10.90 -1.04
N CYS A 86 5.63 -11.54 -0.18
CA CYS A 86 5.13 -11.95 1.12
C CYS A 86 4.61 -10.76 1.91
N THR A 87 5.34 -9.64 1.87
CA THR A 87 4.88 -8.45 2.58
C THR A 87 3.59 -7.92 1.97
N THR A 88 3.48 -7.93 0.64
CA THR A 88 2.24 -7.50 0.01
C THR A 88 1.07 -8.37 0.46
N VAL A 89 1.24 -9.69 0.45
CA VAL A 89 0.18 -10.59 0.86
C VAL A 89 -0.27 -10.27 2.29
N GLU A 90 0.68 -10.03 3.19
CA GLU A 90 0.32 -9.71 4.56
C GLU A 90 -0.46 -8.40 4.64
N THR A 91 -0.04 -7.40 3.87
CA THR A 91 -0.74 -6.12 3.88
C THR A 91 -2.14 -6.25 3.28
N VAL A 92 -2.30 -7.14 2.30
CA VAL A 92 -3.64 -7.42 1.76
C VAL A 92 -4.53 -8.00 2.84
N ARG A 93 -4.01 -8.92 3.64
CA ARG A 93 -4.78 -9.43 4.78
C ARG A 93 -5.23 -8.30 5.69
N GLU A 94 -4.33 -7.36 5.99
CA GLU A 94 -4.68 -6.25 6.86
C GLU A 94 -5.73 -5.36 6.23
N LEU A 95 -5.56 -5.03 4.94
CA LEU A 95 -6.53 -4.19 4.24
C LEU A 95 -7.90 -4.84 4.18
N THR A 96 -7.94 -6.17 4.05
CA THR A 96 -9.22 -6.87 4.01
C THR A 96 -9.95 -6.75 5.34
N GLU A 97 -9.24 -6.97 6.44
CA GLU A 97 -9.84 -6.81 7.76
C GLU A 97 -10.22 -5.35 8.02
N PHE A 98 -9.38 -4.42 7.57
CA PHE A 98 -9.73 -3.00 7.70
C PHE A 98 -11.01 -2.68 6.94
N ALA A 99 -11.14 -3.19 5.72
CA ALA A 99 -12.32 -2.89 4.91
C ALA A 99 -13.59 -3.37 5.58
N LYS A 100 -13.54 -4.51 6.28
CA LYS A 100 -14.71 -5.02 6.96
C LYS A 100 -15.23 -4.07 8.03
N SER A 101 -14.40 -3.16 8.50
CA SER A 101 -14.82 -2.17 9.50
C SER A 101 -15.32 -0.88 8.88
N ILE A 102 -15.22 -0.71 7.57
CA ILE A 102 -15.77 0.46 6.91
C ILE A 102 -17.29 0.32 6.90
N PRO A 103 -18.01 1.24 7.51
CA PRO A 103 -19.47 1.09 7.59
C PRO A 103 -20.08 0.78 6.24
N SER A 104 -20.84 -0.31 6.17
CA SER A 104 -21.61 -0.77 5.02
C SER A 104 -20.78 -1.58 4.03
N PHE A 105 -19.46 -1.65 4.18
CA PHE A 105 -18.68 -2.52 3.30
C PHE A 105 -19.12 -3.98 3.45
N SER A 106 -19.28 -4.43 4.69
CA SER A 106 -19.71 -5.80 4.95
C SER A 106 -21.14 -6.06 4.50
N SER A 107 -21.92 -5.01 4.23
CA SER A 107 -23.27 -5.20 3.70
C SER A 107 -23.27 -5.54 2.23
N LEU A 108 -22.16 -5.30 1.53
CA LEU A 108 -22.06 -5.68 0.13
C LEU A 108 -21.97 -7.19 0.00
N PHE A 109 -22.44 -7.71 -1.13
CA PHE A 109 -22.27 -9.12 -1.39
C PHE A 109 -20.79 -9.48 -1.39
N LEU A 110 -20.50 -10.74 -1.06
CA LEU A 110 -19.12 -11.16 -0.89
C LEU A 110 -18.29 -10.90 -2.14
N ASN A 111 -18.86 -11.17 -3.32
CA ASN A 111 -18.09 -10.98 -4.55
C ASN A 111 -17.89 -9.50 -4.87
N ASP A 112 -18.82 -8.64 -4.43
CA ASP A 112 -18.57 -7.20 -4.54
C ASP A 112 -17.45 -6.77 -3.61
N GLN A 113 -17.38 -7.34 -2.41
CA GLN A 113 -16.25 -7.05 -1.52
C GLN A 113 -14.94 -7.44 -2.16
N VAL A 114 -14.87 -8.63 -2.75
CA VAL A 114 -13.65 -9.09 -3.40
C VAL A 114 -13.30 -8.19 -4.58
N THR A 115 -14.30 -7.77 -5.36
CA THR A 115 -14.04 -6.89 -6.49
C THR A 115 -13.39 -5.59 -6.04
N LEU A 116 -13.88 -5.01 -4.93
CA LEU A 116 -13.29 -3.77 -4.43
C LEU A 116 -11.85 -4.01 -3.98
N LEU A 117 -11.61 -5.10 -3.26
CA LEU A 117 -10.25 -5.38 -2.81
C LEU A 117 -9.33 -5.70 -3.98
N LYS A 118 -9.81 -6.47 -4.94
CA LYS A 118 -8.99 -6.82 -6.10
C LYS A 118 -8.40 -5.59 -6.77
N TYR A 119 -9.24 -4.62 -7.08
CA TYR A 119 -8.80 -3.41 -7.79
C TYR A 119 -8.32 -2.30 -6.86
N GLY A 120 -8.46 -2.46 -5.55
CA GLY A 120 -8.13 -1.39 -4.63
C GLY A 120 -6.91 -1.59 -3.74
N VAL A 121 -6.55 -2.84 -3.44
CA VAL A 121 -5.55 -3.06 -2.40
C VAL A 121 -4.21 -2.44 -2.80
N HIS A 122 -3.80 -2.61 -4.06
CA HIS A 122 -2.49 -2.10 -4.45
C HIS A 122 -2.47 -0.57 -4.48
N GLU A 123 -3.58 0.07 -4.86
CA GLU A 123 -3.65 1.51 -4.72
C GLU A 123 -3.45 1.93 -3.26
N ALA A 124 -4.12 1.24 -2.33
CA ALA A 124 -3.96 1.53 -0.92
C ALA A 124 -2.56 1.16 -0.43
N ILE A 125 -2.03 0.04 -0.91
CA ILE A 125 -0.69 -0.38 -0.49
C ILE A 125 0.35 0.67 -0.86
N PHE A 126 0.28 1.16 -2.10
CA PHE A 126 1.26 2.15 -2.55
C PHE A 126 1.08 3.48 -1.84
N ALA A 127 -0.14 3.81 -1.42
CA ALA A 127 -0.35 4.99 -0.60
C ALA A 127 0.31 4.82 0.76
N MET A 128 0.05 3.68 1.42
CA MET A 128 0.65 3.44 2.73
C MET A 128 2.16 3.21 2.62
N LEU A 129 2.63 2.74 1.47
CA LEU A 129 4.07 2.53 1.29
C LEU A 129 4.84 3.83 1.53
N ALA A 130 4.27 4.97 1.16
CA ALA A 130 4.96 6.24 1.36
C ALA A 130 5.30 6.47 2.82
N SER A 131 4.51 5.90 3.75
CA SER A 131 4.78 6.07 5.17
C SER A 131 6.12 5.49 5.58
N ILE A 132 6.55 4.40 4.95
CA ILE A 132 7.76 3.69 5.34
C ILE A 132 8.94 4.00 4.42
N VAL A 133 8.83 5.05 3.61
CA VAL A 133 9.82 5.36 2.59
C VAL A 133 10.42 6.73 2.84
N ASN A 134 11.72 6.87 2.55
CA ASN A 134 12.34 8.16 2.29
C ASN A 134 13.07 8.05 0.95
N LYS A 135 13.73 9.14 0.55
CA LYS A 135 14.33 9.15 -0.77
C LYS A 135 15.44 8.12 -0.93
N ASP A 136 15.91 7.50 0.14
CA ASP A 136 17.06 6.60 0.10
C ASP A 136 16.71 5.12 0.30
N GLY A 137 15.46 4.80 0.61
CA GLY A 137 15.09 3.41 0.83
C GLY A 137 13.78 3.31 1.58
N LEU A 138 13.52 2.11 2.09
CA LEU A 138 12.26 1.87 2.78
C LEU A 138 12.45 0.85 3.89
N LEU A 139 11.61 0.96 4.91
CA LEU A 139 11.62 -0.01 6.01
C LEU A 139 11.11 -1.36 5.52
N VAL A 140 11.69 -2.43 6.07
CA VAL A 140 11.20 -3.79 5.88
C VAL A 140 11.16 -4.48 7.24
N ALA A 141 10.57 -5.68 7.25
CA ALA A 141 10.49 -6.51 8.45
C ALA A 141 9.96 -5.71 9.63
N ASN A 142 8.75 -5.17 9.45
CA ASN A 142 8.07 -4.41 10.50
C ASN A 142 8.96 -3.31 11.04
N GLY A 143 9.76 -2.72 10.17
CA GLY A 143 10.62 -1.61 10.54
C GLY A 143 11.97 -2.00 11.13
N SER A 144 12.28 -3.30 11.23
CA SER A 144 13.55 -3.71 11.79
C SER A 144 14.67 -3.70 10.75
N GLY A 145 14.35 -3.54 9.47
CA GLY A 145 15.35 -3.43 8.44
C GLY A 145 15.07 -2.25 7.52
N PHE A 146 16.11 -1.81 6.83
CA PHE A 146 16.01 -0.72 5.87
C PHE A 146 16.75 -1.12 4.61
N VAL A 147 16.02 -1.26 3.50
CA VAL A 147 16.59 -1.62 2.20
C VAL A 147 16.81 -0.35 1.40
N THR A 148 18.02 -0.17 0.89
CA THR A 148 18.37 1.07 0.19
C THR A 148 17.84 1.07 -1.23
N ARG A 149 17.40 2.25 -1.67
CA ARG A 149 16.94 2.42 -3.05
C ARG A 149 18.00 1.99 -4.05
N GLU A 150 19.27 2.28 -3.75
CA GLU A 150 20.35 1.91 -4.66
C GLU A 150 20.45 0.40 -4.82
N PHE A 151 20.41 -0.33 -3.69
CA PHE A 151 20.47 -1.79 -3.77
C PHE A 151 19.34 -2.34 -4.63
N LEU A 152 18.13 -1.79 -4.48
CA LEU A 152 17.02 -2.21 -5.33
C LEU A 152 17.30 -1.89 -6.79
N ARG A 153 17.88 -0.71 -7.06
CA ARG A 153 18.26 -0.38 -8.42
C ARG A 153 19.29 -1.34 -8.98
N SER A 154 20.13 -1.92 -8.11
CA SER A 154 21.21 -2.79 -8.55
C SER A 154 20.77 -4.21 -8.87
N LEU A 155 19.53 -4.59 -8.53
CA LEU A 155 19.03 -5.89 -8.90
C LEU A 155 18.96 -6.03 -10.42
N ARG A 156 18.91 -7.27 -10.89
CA ARG A 156 18.84 -7.51 -12.32
C ARG A 156 17.42 -7.28 -12.82
N LYS A 157 17.31 -6.75 -14.03
CA LYS A 157 16.00 -6.55 -14.62
C LYS A 157 15.30 -7.90 -14.79
N PRO A 158 13.96 -7.92 -14.74
CA PRO A 158 13.14 -6.72 -14.58
C PRO A 158 12.89 -6.32 -13.12
N PHE A 159 13.45 -7.10 -12.18
CA PHE A 159 13.12 -6.90 -10.77
C PHE A 159 13.57 -5.54 -10.25
N SER A 160 14.62 -4.98 -10.85
CA SER A 160 15.11 -3.67 -10.39
C SER A 160 14.17 -2.54 -10.76
N ASP A 161 13.24 -2.76 -11.68
CA ASP A 161 12.34 -1.72 -12.15
C ASP A 161 10.97 -1.76 -11.46
N ILE A 162 10.76 -2.69 -10.53
CA ILE A 162 9.45 -2.81 -9.90
C ILE A 162 9.23 -1.68 -8.90
N ILE A 163 10.15 -1.53 -7.96
CA ILE A 163 9.91 -0.63 -6.82
C ILE A 163 10.29 0.82 -7.13
N GLU A 164 11.23 1.05 -8.04
CA GLU A 164 11.70 2.41 -8.30
C GLU A 164 10.58 3.40 -8.59
N PRO A 165 9.63 3.13 -9.49
CA PRO A 165 8.56 4.11 -9.75
C PRO A 165 7.72 4.43 -8.53
N LYS A 166 7.66 3.55 -7.53
CA LYS A 166 6.91 3.83 -6.32
C LYS A 166 7.62 4.84 -5.42
N PHE A 167 8.96 4.85 -5.44
CA PHE A 167 9.70 5.88 -4.73
C PHE A 167 9.32 7.27 -5.23
N GLU A 168 9.21 7.43 -6.55
CA GLU A 168 8.90 8.74 -7.11
C GLU A 168 7.56 9.25 -6.59
N PHE A 169 6.53 8.41 -6.63
CA PHE A 169 5.23 8.81 -6.10
C PHE A 169 5.31 9.10 -4.61
N ALA A 170 5.99 8.25 -3.86
CA ALA A 170 5.97 8.35 -2.39
C ALA A 170 6.57 9.67 -1.92
N VAL A 171 7.69 10.08 -2.51
CA VAL A 171 8.35 11.32 -2.06
C VAL A 171 7.41 12.50 -2.25
N LYS A 172 6.77 12.59 -3.42
CA LYS A 172 5.79 13.65 -3.63
C LYS A 172 4.63 13.55 -2.64
N PHE A 173 4.11 12.33 -2.45
CA PHE A 173 2.99 12.13 -1.55
C PHE A 173 3.35 12.54 -0.12
N ASN A 174 4.56 12.22 0.32
CA ASN A 174 4.97 12.57 1.67
C ASN A 174 5.03 14.08 1.89
N ALA A 175 5.18 14.87 0.82
CA ALA A 175 5.19 16.31 0.97
C ALA A 175 3.87 16.85 1.53
N LEU A 176 2.78 16.11 1.37
CA LEU A 176 1.49 16.55 1.87
C LEU A 176 1.39 16.46 3.39
N GLU A 177 2.28 15.69 4.03
CA GLU A 177 2.40 15.68 5.49
C GLU A 177 1.12 15.14 6.16
N LEU A 178 0.50 14.14 5.54
CA LEU A 178 -0.63 13.48 6.17
C LEU A 178 -0.17 12.71 7.40
N ASP A 179 -1.10 12.55 8.36
CA ASP A 179 -0.87 11.65 9.48
C ASP A 179 -1.77 10.42 9.32
N ASP A 180 -1.72 9.54 10.33
CA ASP A 180 -2.44 8.27 10.22
C ASP A 180 -3.94 8.49 10.18
N SER A 181 -4.46 9.48 10.91
CA SER A 181 -5.89 9.74 10.89
C SER A 181 -6.34 10.18 9.50
N ASP A 182 -5.51 10.97 8.80
CA ASP A 182 -5.81 11.32 7.41
C ASP A 182 -5.79 10.08 6.53
N LEU A 183 -4.73 9.27 6.66
CA LEU A 183 -4.57 8.12 5.78
C LEU A 183 -5.69 7.11 5.93
N ALA A 184 -6.22 6.95 7.16
CA ALA A 184 -7.30 5.99 7.37
C ALA A 184 -8.49 6.30 6.47
N LEU A 185 -8.89 7.57 6.40
CA LEU A 185 -9.98 7.96 5.52
C LEU A 185 -9.57 7.88 4.06
N PHE A 186 -8.33 8.23 3.74
CA PHE A 186 -7.84 8.18 2.37
C PHE A 186 -7.91 6.76 1.81
N ILE A 187 -7.42 5.78 2.58
N ILE A 187 -7.44 5.77 2.57
CA ILE A 187 -7.44 4.39 2.15
CA ILE A 187 -7.46 4.41 2.04
C ILE A 187 -8.88 3.90 2.00
C ILE A 187 -8.88 3.85 2.02
N ALA A 188 -9.74 4.28 2.95
CA ALA A 188 -11.14 3.89 2.87
C ALA A 188 -11.76 4.38 1.56
N ALA A 189 -11.46 5.63 1.17
CA ALA A 189 -11.99 6.16 -0.08
C ALA A 189 -11.43 5.41 -1.29
N ILE A 190 -10.18 4.95 -1.21
CA ILE A 190 -9.60 4.19 -2.30
C ILE A 190 -10.36 2.88 -2.50
N ILE A 191 -10.66 2.18 -1.40
CA ILE A 191 -11.27 0.86 -1.50
C ILE A 191 -12.71 0.97 -1.96
N LEU A 192 -13.45 1.96 -1.44
CA LEU A 192 -14.86 2.14 -1.77
C LEU A 192 -14.97 2.96 -3.06
N CYS A 193 -14.76 2.28 -4.18
CA CYS A 193 -14.64 2.90 -5.49
C CYS A 193 -15.69 2.32 -6.42
N GLY A 194 -16.62 3.17 -6.88
CA GLY A 194 -17.79 2.69 -7.60
C GLY A 194 -17.53 2.23 -9.02
N ASP A 195 -16.39 2.59 -9.61
CA ASP A 195 -16.14 2.30 -11.02
C ASP A 195 -15.24 1.07 -11.22
N ARG A 196 -15.14 0.20 -10.23
CA ARG A 196 -14.35 -1.01 -10.41
C ARG A 196 -15.07 -1.97 -11.36
N PRO A 197 -14.34 -2.61 -12.26
CA PRO A 197 -14.99 -3.51 -13.23
C PRO A 197 -15.67 -4.68 -12.54
N GLY A 198 -16.91 -4.96 -12.95
CA GLY A 198 -17.65 -6.09 -12.43
C GLY A 198 -18.39 -5.83 -11.13
N LEU A 199 -18.32 -4.62 -10.59
CA LEU A 199 -19.04 -4.29 -9.36
C LEU A 199 -20.54 -4.37 -9.60
N MET A 200 -21.25 -5.03 -8.69
CA MET A 200 -22.69 -5.20 -8.85
C MET A 200 -23.45 -3.97 -8.35
N ASN A 201 -23.20 -3.56 -7.11
CA ASN A 201 -23.99 -2.50 -6.49
C ASN A 201 -23.22 -1.19 -6.52
N VAL A 202 -23.14 -0.62 -7.73
CA VAL A 202 -22.46 0.67 -7.90
C VAL A 202 -23.09 1.77 -7.06
N PRO A 203 -24.41 1.97 -7.08
CA PRO A 203 -24.99 3.05 -6.27
C PRO A 203 -24.63 2.94 -4.79
N ARG A 204 -24.67 1.73 -4.24
CA ARG A 204 -24.34 1.56 -2.82
C ARG A 204 -22.89 1.93 -2.55
N VAL A 205 -21.97 1.49 -3.41
CA VAL A 205 -20.55 1.80 -3.21
C VAL A 205 -20.31 3.29 -3.37
N GLU A 206 -20.89 3.91 -4.40
CA GLU A 206 -20.77 5.36 -4.56
C GLU A 206 -21.28 6.10 -3.34
N ALA A 207 -22.37 5.60 -2.74
CA ALA A 207 -22.94 6.28 -1.58
C ALA A 207 -22.02 6.21 -0.38
N ILE A 208 -21.40 5.05 -0.14
CA ILE A 208 -20.44 4.92 0.95
C ILE A 208 -19.23 5.81 0.69
N GLN A 209 -18.71 5.80 -0.54
CA GLN A 209 -17.55 6.62 -0.87
C GLN A 209 -17.85 8.11 -0.63
N ASP A 210 -19.05 8.56 -1.00
CA ASP A 210 -19.40 9.96 -0.78
C ASP A 210 -19.35 10.30 0.70
N THR A 211 -19.88 9.42 1.56
CA THR A 211 -19.79 9.63 3.00
C THR A 211 -18.33 9.72 3.44
N ILE A 212 -17.49 8.82 2.93
CA ILE A 212 -16.08 8.83 3.28
C ILE A 212 -15.42 10.15 2.86
N LEU A 213 -15.70 10.60 1.63
CA LEU A 213 -15.06 11.81 1.12
C LEU A 213 -15.55 13.05 1.86
N ARG A 214 -16.83 13.10 2.23
CA ARG A 214 -17.31 14.20 3.06
C ARG A 214 -16.61 14.19 4.41
N ALA A 215 -16.45 13.02 5.01
CA ALA A 215 -15.72 12.93 6.27
C ALA A 215 -14.27 13.38 6.10
N LEU A 216 -13.67 13.06 4.94
CA LEU A 216 -12.28 13.43 4.71
C LEU A 216 -12.10 14.94 4.65
N GLU A 217 -12.99 15.63 3.92
CA GLU A 217 -12.88 17.09 3.86
C GLU A 217 -13.09 17.71 5.23
N PHE A 218 -14.10 17.25 5.96
CA PHE A 218 -14.31 17.74 7.32
C PHE A 218 -13.09 17.47 8.20
N HIS A 219 -12.49 16.28 8.07
CA HIS A 219 -11.34 15.95 8.90
C HIS A 219 -10.12 16.79 8.52
N LEU A 220 -9.91 17.00 7.21
CA LEU A 220 -8.74 17.74 6.77
C LEU A 220 -8.76 19.18 7.25
N GLN A 221 -9.93 19.82 7.24
CA GLN A 221 -9.99 21.21 7.68
C GLN A 221 -9.87 21.33 9.19
N ALA A 222 -10.25 20.29 9.93
CA ALA A 222 -10.05 20.30 11.38
C ALA A 222 -8.61 19.95 11.75
N ASN A 223 -8.00 19.04 10.99
CA ASN A 223 -6.66 18.55 11.30
C ASN A 223 -5.56 19.33 10.59
N HIS A 224 -5.87 19.95 9.45
CA HIS A 224 -4.91 20.74 8.69
C HIS A 224 -5.50 22.10 8.36
N PRO A 225 -5.78 22.92 9.38
CA PRO A 225 -6.50 24.19 9.12
C PRO A 225 -5.80 25.08 8.12
N ASP A 226 -4.48 25.21 8.19
CA ASP A 226 -3.75 26.08 7.27
C ASP A 226 -3.49 25.43 5.91
N ALA A 227 -3.87 24.17 5.73
CA ALA A 227 -3.72 23.50 4.44
C ALA A 227 -4.86 23.93 3.53
N GLN A 228 -4.54 24.58 2.42
CA GLN A 228 -5.57 25.17 1.57
C GLN A 228 -6.19 24.15 0.63
N TYR A 229 -5.44 23.72 -0.40
CA TYR A 229 -5.95 22.84 -1.43
C TYR A 229 -5.71 21.36 -1.13
N LEU A 230 -5.69 20.97 0.15
CA LEU A 230 -5.29 19.61 0.49
C LEU A 230 -6.30 18.59 -0.02
N PHE A 231 -7.60 18.85 0.17
CA PHE A 231 -8.61 17.90 -0.29
C PHE A 231 -8.52 17.65 -1.78
N PRO A 232 -8.57 18.66 -2.65
CA PRO A 232 -8.45 18.39 -4.09
C PRO A 232 -7.14 17.74 -4.46
N LYS A 233 -6.04 18.06 -3.77
CA LYS A 233 -4.78 17.40 -4.04
C LYS A 233 -4.89 15.90 -3.79
N LEU A 234 -5.59 15.51 -2.72
CA LEU A 234 -5.76 14.09 -2.42
C LEU A 234 -6.64 13.39 -3.46
N LEU A 235 -7.64 14.09 -3.99
CA LEU A 235 -8.41 13.51 -5.09
C LEU A 235 -7.51 13.18 -6.28
N GLN A 236 -6.59 14.08 -6.61
CA GLN A 236 -5.67 13.82 -7.71
C GLN A 236 -4.72 12.67 -7.37
N LYS A 237 -4.27 12.59 -6.12
CA LYS A 237 -3.41 11.48 -5.70
C LYS A 237 -4.11 10.14 -5.96
N MET A 238 -5.42 10.09 -5.73
CA MET A 238 -6.16 8.86 -5.99
C MET A 238 -6.10 8.48 -7.46
N ALA A 239 -6.21 9.46 -8.36
CA ALA A 239 -6.06 9.17 -9.78
C ALA A 239 -4.63 8.75 -10.12
N ASP A 240 -3.64 9.42 -9.51
CA ASP A 240 -2.24 9.05 -9.73
C ASP A 240 -1.99 7.61 -9.31
N LEU A 241 -2.61 7.17 -8.21
CA LEU A 241 -2.41 5.81 -7.74
C LEU A 241 -3.00 4.79 -8.71
N ARG A 242 -4.10 5.12 -9.39
CA ARG A 242 -4.68 4.16 -10.31
C ARG A 242 -3.78 3.93 -11.52
N GLN A 243 -3.17 5.00 -12.04
CA GLN A 243 -2.25 4.83 -13.16
C GLN A 243 -0.97 4.15 -12.71
N LEU A 244 -0.47 4.50 -11.52
CA LEU A 244 0.68 3.80 -10.97
C LEU A 244 0.44 2.30 -10.89
N VAL A 245 -0.78 1.90 -10.49
CA VAL A 245 -1.09 0.48 -10.35
C VAL A 245 -1.27 -0.15 -11.73
N THR A 246 -1.90 0.57 -12.67
CA THR A 246 -2.02 0.06 -14.02
C THR A 246 -0.65 -0.29 -14.60
N GLU A 247 0.31 0.62 -14.43
CA GLU A 247 1.66 0.37 -14.93
C GLU A 247 2.34 -0.76 -14.14
N HIS A 248 2.05 -0.86 -12.85
CA HIS A 248 2.59 -1.97 -12.06
C HIS A 248 2.02 -3.30 -12.53
N ALA A 249 0.70 -3.34 -12.78
CA ALA A 249 0.09 -4.58 -13.26
C ALA A 249 0.69 -5.01 -14.59
N GLN A 250 0.99 -4.06 -15.47
CA GLN A 250 1.64 -4.39 -16.74
C GLN A 250 2.98 -5.06 -16.49
N MET A 251 3.81 -4.47 -15.63
CA MET A 251 5.11 -5.07 -15.32
C MET A 251 4.93 -6.47 -14.74
N MET A 252 3.99 -6.64 -13.81
CA MET A 252 3.79 -7.95 -13.19
C MET A 252 3.28 -8.95 -14.21
N GLN A 253 2.33 -8.54 -15.06
CA GLN A 253 1.86 -9.44 -16.11
C GLN A 253 2.97 -9.81 -17.07
N ARG A 254 3.88 -8.86 -17.34
N ARG A 254 3.91 -8.89 -17.31
CA ARG A 254 5.04 -9.17 -18.17
CA ARG A 254 5.02 -9.20 -18.19
C ARG A 254 5.96 -10.18 -17.49
C ARG A 254 6.02 -10.14 -17.51
N ILE A 255 6.29 -9.93 -16.23
CA ILE A 255 7.23 -10.80 -15.51
C ILE A 255 6.71 -12.22 -15.45
N LYS A 256 5.38 -12.39 -15.31
CA LYS A 256 4.81 -13.73 -15.32
C LYS A 256 5.07 -14.43 -16.65
N LYS A 257 5.16 -13.67 -17.74
CA LYS A 257 5.45 -14.20 -19.07
C LYS A 257 6.95 -14.35 -19.32
N THR A 258 7.74 -13.39 -18.83
CA THR A 258 9.18 -13.41 -19.09
C THR A 258 9.91 -14.34 -18.13
N GLU A 259 9.71 -14.16 -16.83
CA GLU A 259 10.39 -14.94 -15.81
C GLU A 259 9.58 -16.20 -15.50
N THR A 260 9.53 -17.09 -16.48
CA THR A 260 8.69 -18.28 -16.39
C THR A 260 9.11 -19.23 -15.26
N GLU A 261 10.27 -19.02 -14.65
CA GLU A 261 10.76 -19.89 -13.60
C GLU A 261 10.64 -19.28 -12.21
N THR A 262 10.16 -18.05 -12.10
CA THR A 262 9.98 -17.38 -10.81
C THR A 262 8.52 -17.52 -10.38
N SER A 263 8.31 -17.86 -9.11
CA SER A 263 6.97 -18.07 -8.60
C SER A 263 6.28 -16.74 -8.31
N LEU A 264 5.02 -16.65 -8.70
CA LEU A 264 4.16 -15.53 -8.35
C LEU A 264 3.09 -16.04 -7.38
N HIS A 265 3.00 -15.40 -6.22
CA HIS A 265 2.08 -15.86 -5.19
C HIS A 265 0.67 -16.02 -5.77
N PRO A 266 -0.06 -17.08 -5.41
CA PRO A 266 -1.41 -17.25 -5.97
C PRO A 266 -2.32 -16.06 -5.76
N LEU A 267 -2.25 -15.41 -4.60
CA LEU A 267 -3.11 -14.24 -4.36
C LEU A 267 -2.79 -13.12 -5.34
N LEU A 268 -1.51 -12.92 -5.65
CA LEU A 268 -1.15 -11.88 -6.61
C LEU A 268 -1.54 -12.30 -8.03
N GLN A 269 -1.41 -13.59 -8.35
CA GLN A 269 -1.92 -14.08 -9.63
C GLN A 269 -3.40 -13.74 -9.79
N GLU A 270 -4.20 -14.01 -8.76
CA GLU A 270 -5.63 -13.73 -8.85
C GLU A 270 -5.89 -12.24 -8.94
N ILE A 271 -5.14 -11.43 -8.20
CA ILE A 271 -5.34 -9.98 -8.26
C ILE A 271 -5.08 -9.45 -9.67
N TYR A 272 -3.98 -9.90 -10.27
CA TYR A 272 -3.59 -9.40 -11.59
C TYR A 272 -4.29 -10.12 -12.74
N LYS A 273 -5.06 -11.16 -12.45
CA LYS A 273 -5.79 -11.88 -13.49
C LYS A 273 -6.67 -10.92 -14.29
N ASP A 274 -6.40 -10.84 -15.60
CA ASP A 274 -7.04 -9.88 -16.51
C ASP A 274 -7.41 -8.57 -15.82
N MET A 275 -6.42 -7.95 -15.17
CA MET A 275 -6.59 -6.62 -14.59
C MET A 275 -6.13 -5.58 -15.60
N TYR A 276 -7.04 -4.72 -16.04
CA TYR A 276 -6.70 -3.66 -16.98
C TYR A 276 -6.15 -4.22 -18.29
C09 P7F B . 6.85 -3.89 -0.29
C10 P7F B . 4.51 -3.46 -1.28
C11 P7F B . 7.87 -2.92 0.28
C12 P7F B . 5.09 -3.30 -2.69
C13 P7F B . 4.99 -2.71 0.98
C14 P7F B . 9.28 -3.47 0.01
C15 P7F B . 4.79 -4.40 -3.69
C16 P7F B . 5.90 -2.07 -3.09
C17 P7F B . 5.32 -4.32 -5.11
C18 P7F B . 3.68 -1.56 2.29
C19 P7F B . 4.71 -2.08 3.05
C20 P7F B . 4.62 -6.59 -5.59
C21 P7F B . 6.43 -1.98 -4.52
C22 P7F B . 6.14 -3.11 -5.53
C23 P7F B . 5.29 -7.67 -6.42
C24 P7F B . 2.57 -0.68 2.94
C25 P7F B . 4.78 -1.79 4.58
C26 P7F B . 10.49 -5.45 0.16
C27 P7F B . 2.63 -0.38 4.42
C28 P7F B . 3.72 -0.94 5.23
C29 P7F B . 6.70 -7.92 -5.90
C30 P7F B . 3.10 -6.68 -5.78
C31 P7F B . 11.67 -5.00 -0.68
C32 P7F B . 10.67 -6.52 1.23
C33 P7F B . 13.05 -5.63 -0.47
C34 P7F B . 12.05 -7.14 1.45
C35 P7F B . 13.24 -6.71 0.59
C36 P7F B . 14.81 -8.22 1.70
N07 P7F B . 5.50 -3.34 -0.21
N08 P7F B . 5.51 -2.80 2.25
O01 P7F B . 3.85 -1.96 1.04
O02 P7F B . 9.24 -4.87 -0.04
O03 P7F B . 5.07 -5.34 -6.04
O04 P7F B . 2.61 -6.49 -6.93
O05 P7F B . 2.35 -6.95 -4.82
O06 P7F B . 14.53 -7.24 0.74
H091 P7F B . 6.89 -4.73 0.20
H092 P7F B . 7.07 -4.06 -1.23
H102 P7F B . 3.84 -2.77 -1.15
H101 P7F B . 4.09 -4.33 -1.22
H112 P7F B . 7.78 -2.06 -0.15
H111 P7F B . 7.74 -2.83 1.24
H141 P7F B . 9.60 -3.13 -0.83
H142 P7F B . 9.88 -3.18 0.72
H151 P7F B . 4.30 -5.14 -3.41
H161 P7F B . 6.07 -1.40 -2.48
H201 P7F B . 4.85 -6.71 -4.65
H211 P7F B . 6.94 -1.24 -4.78
H221 P7F B . 6.46 -3.05 -6.39
H232 P7F B . 4.77 -8.49 -6.36
H231 P7F B . 5.34 -7.39 -7.35
H241 P7F B . 1.88 -0.32 2.42
H251 P7F B . 5.48 -2.14 5.10
H271 P7F B . 1.98 0.14 4.81
H281 P7F B . 3.77 -0.77 6.14
H292 P7F B . 6.66 -8.51 -5.13
H291 P7F B . 7.24 -8.33 -6.59
H293 P7F B . 7.10 -7.07 -5.65
H311 P7F B . 11.55 -4.34 -1.34
H321 P7F B . 9.96 -6.79 1.75
H331 P7F B . 13.76 -5.35 -0.99
H341 P7F B . 12.17 -7.80 2.09
H363 P7F B . 15.45 -7.87 2.35
H362 P7F B . 13.99 -8.46 2.16
H361 P7F B . 15.18 -9.00 1.26
C1 BOG C . 3.21 -19.38 -1.94
O1 BOG C . 2.97 -20.73 -2.00
C2 BOG C . 3.85 -19.11 -0.58
O2 BOG C . 2.90 -19.41 0.45
C3 BOG C . 4.30 -17.70 -0.47
O3 BOG C . 4.94 -17.48 0.82
C4 BOG C . 5.25 -17.39 -1.59
O4 BOG C . 5.78 -16.07 -1.47
C5 BOG C . 4.51 -17.55 -2.92
O5 BOG C . 4.07 -18.94 -3.09
C6 BOG C . 5.37 -17.09 -4.04
O6 BOG C . 6.00 -15.89 -3.69
C1' BOG C . 1.69 -21.13 -2.40
C2' BOG C . 0.60 -20.64 -1.43
C3' BOG C . -0.72 -21.28 -1.83
C4' BOG C . -1.96 -20.62 -1.21
C5' BOG C . -1.70 -19.27 -0.55
C6' BOG C . -3.01 -18.75 0.02
C7' BOG C . -3.31 -19.47 1.34
C8' BOG C . -4.81 -19.72 1.44
H1 BOG C . 2.37 -18.91 -1.97
H2 BOG C . 4.62 -19.69 -0.48
HO2 BOG C . 2.66 -18.68 0.85
H3 BOG C . 3.53 -17.12 -0.55
HO3 BOG C . 4.36 -17.20 1.37
H4 BOG C . 5.98 -18.03 -1.56
HO4 BOG C . 5.93 -15.90 -0.66
H5 BOG C . 3.71 -16.98 -2.89
H61 BOG C . 6.05 -17.77 -4.23
H62 BOG C . 4.83 -16.96 -4.83
HO6 BOG C . 6.04 -15.38 -4.36
H1'1 BOG C . 1.50 -20.76 -3.28
H1'2 BOG C . 1.65 -22.09 -2.45
H2'1 BOG C . 0.83 -20.91 -0.53
H2'2 BOG C . 0.53 -19.68 -1.47
H3'1 BOG C . -0.81 -21.24 -2.80
H3'2 BOG C . -0.71 -22.22 -1.57
H4'1 BOG C . -2.62 -20.49 -1.91
H4'2 BOG C . -2.34 -21.22 -0.56
H5'1 BOG C . -1.37 -18.64 -1.20
H5'2 BOG C . -1.06 -19.39 0.17
H6'1 BOG C . -3.73 -18.93 -0.60
H6'2 BOG C . -2.94 -17.80 0.20
H7'1 BOG C . -3.01 -18.93 2.08
H7'2 BOG C . -2.84 -20.32 1.36
H8'1 BOG C . -5.10 -20.30 0.71
H8'2 BOG C . -5.29 -18.87 1.38
H8'3 BOG C . -5.02 -20.14 2.29
#